data_8SP6
#
_entry.id   8SP6
#
_cell.length_a   45.905
_cell.length_b   88.576
_cell.length_c   113.237
_cell.angle_alpha   90.00
_cell.angle_beta   90.00
_cell.angle_gamma   90.00
#
_symmetry.space_group_name_H-M   'P 21 21 21'
#
loop_
_entity.id
_entity.type
_entity.pdbx_description
1 polymer 'Chromodomain Y-like protein 2'
2 polymer (5R0)FAL(MLZ)(5R5)
3 non-polymer 'UNKNOWN ATOM OR ION'
4 non-polymer (1s,4s)-bicyclo[2.2.1]heptane
5 water water
#
loop_
_entity_poly.entity_id
_entity_poly.type
_entity_poly.pdbx_seq_one_letter_code
_entity_poly.pdbx_strand_id
1 'polypeptide(L)' GASGDLYEVERIVDKRKNKKGKWEYLIRWKGYGSTEDTWEPEHHLLHCEEFIDEFNGLHMSK A,B,C,D,E,F
2 'polypeptide(L)' (5R0)FAL(MLZ)(5R5) G,H,I,J,K,L
#
loop_
_chem_comp.id
_chem_comp.type
_chem_comp.name
_chem_comp.formula
5R0 non-polymer '4-~{tert}-butylbenzoic acid' 'C11 H14 O2'
I9A non-polymer (1s,4s)-bicyclo[2.2.1]heptane 'C7 H12'
UNX non-polymer 'UNKNOWN ATOM OR ION' ?
#
# COMPACT_ATOMS: atom_id res chain seq x y z
N ALA A 2 10.38 -14.28 -22.66
CA ALA A 2 11.42 -13.36 -22.09
C ALA A 2 10.81 -12.50 -20.99
N SER A 3 11.59 -12.22 -19.95
CA SER A 3 11.20 -11.36 -18.81
C SER A 3 10.95 -9.93 -19.31
N GLY A 4 10.15 -9.16 -18.58
CA GLY A 4 10.19 -7.69 -18.64
C GLY A 4 11.57 -7.20 -18.24
N ASP A 5 11.86 -5.92 -18.46
CA ASP A 5 13.17 -5.34 -18.10
C ASP A 5 13.21 -5.17 -16.58
N LEU A 6 14.41 -5.21 -16.00
CA LEU A 6 14.64 -4.80 -14.60
C LEU A 6 14.48 -3.28 -14.50
N TYR A 7 13.67 -2.81 -13.55
CA TYR A 7 13.49 -1.37 -13.27
C TYR A 7 13.77 -1.14 -11.80
N GLU A 8 14.20 0.06 -11.48
CA GLU A 8 14.53 0.43 -10.09
C GLU A 8 13.23 0.68 -9.31
N VAL A 9 13.20 0.16 -8.10
CA VAL A 9 12.05 0.26 -7.15
C VAL A 9 12.20 1.51 -6.30
N GLU A 10 11.10 2.24 -6.06
CA GLU A 10 11.06 3.36 -5.08
C GLU A 10 10.53 2.84 -3.75
N ARG A 11 9.38 2.16 -3.78
CA ARG A 11 8.81 1.55 -2.56
C ARG A 11 7.73 0.53 -2.95
N ILE A 12 7.27 -0.23 -1.97
CA ILE A 12 6.11 -1.14 -2.11
C ILE A 12 4.88 -0.41 -1.58
N VAL A 13 3.82 -0.39 -2.37
CA VAL A 13 2.56 0.37 -2.07
C VAL A 13 1.55 -0.56 -1.39
N ASP A 14 1.57 -1.85 -1.72
CA ASP A 14 0.55 -2.79 -1.22
C ASP A 14 1.04 -4.20 -1.48
N LYS A 15 0.36 -5.17 -0.87
CA LYS A 15 0.69 -6.59 -1.09
C LYS A 15 -0.57 -7.42 -1.02
N ARG A 16 -0.52 -8.59 -1.64
CA ARG A 16 -1.65 -9.54 -1.72
C ARG A 16 -1.08 -10.93 -1.98
N LYS A 17 -1.82 -11.95 -1.57
CA LYS A 17 -1.43 -13.35 -1.87
C LYS A 17 -1.97 -13.77 -3.22
N ASN A 18 -1.17 -14.50 -4.00
CA ASN A 18 -1.63 -15.19 -5.22
C ASN A 18 -2.36 -16.48 -4.79
N LYS A 19 -2.92 -17.20 -5.75
CA LYS A 19 -3.71 -18.45 -5.52
C LYS A 19 -2.83 -19.51 -4.84
N LYS A 20 -1.50 -19.47 -5.06
CA LYS A 20 -0.54 -20.45 -4.48
C LYS A 20 -0.03 -20.02 -3.11
N GLY A 21 -0.53 -18.92 -2.53
CA GLY A 21 -0.18 -18.48 -1.16
C GLY A 21 1.13 -17.70 -1.09
N LYS A 22 1.61 -17.17 -2.22
CA LYS A 22 2.88 -16.38 -2.29
C LYS A 22 2.53 -14.89 -2.48
N TRP A 23 3.32 -14.03 -1.85
CA TRP A 23 3.10 -12.57 -1.93
C TRP A 23 3.29 -12.05 -3.35
N GLU A 24 2.45 -11.09 -3.74
CA GLU A 24 2.68 -10.17 -4.88
C GLU A 24 2.70 -8.76 -4.30
N TYR A 25 3.50 -7.89 -4.89
CA TYR A 25 3.70 -6.52 -4.38
C TYR A 25 3.33 -5.51 -5.45
N LEU A 26 2.58 -4.49 -5.02
CA LEU A 26 2.29 -3.34 -5.91
C LEU A 26 3.51 -2.40 -5.82
N ILE A 27 4.24 -2.27 -6.90
CA ILE A 27 5.55 -1.56 -6.93
C ILE A 27 5.33 -0.14 -7.39
N ARG A 28 5.85 0.82 -6.63
CA ARG A 28 6.09 2.21 -7.08
C ARG A 28 7.48 2.19 -7.70
N TRP A 29 7.58 2.47 -9.01
CA TRP A 29 8.88 2.44 -9.72
C TRP A 29 9.56 3.80 -9.58
N LYS A 30 10.86 3.81 -9.32
CA LYS A 30 11.62 5.07 -9.15
C LYS A 30 11.50 5.92 -10.42
N GLY A 31 11.14 7.19 -10.26
CA GLY A 31 10.98 8.13 -11.38
C GLY A 31 9.56 8.12 -11.94
N TYR A 32 8.69 7.24 -11.42
CA TYR A 32 7.29 7.13 -11.88
C TYR A 32 6.36 7.43 -10.71
N GLY A 33 5.06 7.43 -10.97
CA GLY A 33 4.02 7.70 -9.96
C GLY A 33 2.99 6.59 -9.91
N SER A 34 1.87 6.87 -9.26
CA SER A 34 0.77 5.90 -9.07
C SER A 34 0.31 5.31 -10.40
N THR A 35 0.27 6.12 -11.47
CA THR A 35 -0.28 5.65 -12.78
C THR A 35 0.53 4.44 -13.29
N GLU A 36 1.83 4.42 -13.00
CA GLU A 36 2.75 3.39 -13.53
C GLU A 36 2.94 2.23 -12.52
N ASP A 37 2.27 2.21 -11.37
CA ASP A 37 2.46 1.09 -10.40
C ASP A 37 2.03 -0.21 -11.08
N THR A 38 2.70 -1.31 -10.77
CA THR A 38 2.34 -2.66 -11.29
C THR A 38 2.45 -3.67 -10.17
N TRP A 39 1.56 -4.66 -10.21
CA TRP A 39 1.59 -5.82 -9.31
C TRP A 39 2.65 -6.81 -9.79
N GLU A 40 3.62 -7.14 -8.96
CA GLU A 40 4.72 -8.03 -9.33
C GLU A 40 4.81 -9.18 -8.35
N PRO A 41 4.95 -10.42 -8.85
CA PRO A 41 5.21 -11.53 -7.95
C PRO A 41 6.52 -11.35 -7.17
N GLU A 42 6.60 -11.91 -5.98
CA GLU A 42 7.80 -11.74 -5.12
C GLU A 42 9.05 -12.27 -5.84
N HIS A 43 8.94 -13.28 -6.70
CA HIS A 43 10.13 -13.85 -7.40
C HIS A 43 10.65 -12.89 -8.47
N HIS A 44 9.96 -11.78 -8.73
CA HIS A 44 10.47 -10.75 -9.65
C HIS A 44 11.48 -9.82 -8.94
N LEU A 45 11.56 -9.86 -7.63
CA LEU A 45 12.29 -8.84 -6.83
C LEU A 45 13.74 -9.30 -6.59
N LEU A 46 14.69 -8.43 -6.92
CA LEU A 46 16.13 -8.73 -6.69
C LEU A 46 16.62 -7.92 -5.48
N HIS A 47 16.95 -8.60 -4.38
CA HIS A 47 17.49 -7.96 -3.17
C HIS A 47 16.60 -6.81 -2.69
N CYS A 48 15.29 -7.00 -2.71
CA CYS A 48 14.33 -5.95 -2.27
C CYS A 48 13.85 -6.16 -0.83
N GLU A 49 14.56 -6.94 -0.01
CA GLU A 49 14.11 -7.21 1.40
C GLU A 49 13.89 -5.90 2.15
N GLU A 50 14.71 -4.88 1.96
CA GLU A 50 14.57 -3.60 2.72
C GLU A 50 13.21 -2.97 2.37
N PHE A 51 12.77 -3.06 1.12
CA PHE A 51 11.45 -2.49 0.76
C PHE A 51 10.33 -3.30 1.40
N ILE A 52 10.44 -4.62 1.41
CA ILE A 52 9.40 -5.50 2.02
C ILE A 52 9.34 -5.20 3.53
N ASP A 53 10.50 -5.09 4.17
CA ASP A 53 10.56 -4.86 5.64
C ASP A 53 10.02 -3.47 5.95
N GLU A 54 10.36 -2.46 5.15
N GLU A 54 10.32 -2.47 5.11
CA GLU A 54 9.82 -1.09 5.36
CA GLU A 54 9.86 -1.07 5.33
C GLU A 54 8.29 -1.17 5.29
C GLU A 54 8.34 -1.02 5.17
N PHE A 55 7.77 -1.78 4.22
CA PHE A 55 6.31 -1.86 4.03
C PHE A 55 5.66 -2.55 5.25
N ASN A 56 6.21 -3.68 5.69
CA ASN A 56 5.58 -4.48 6.76
C ASN A 56 5.70 -3.78 8.12
N GLY A 57 6.71 -2.94 8.25
CA GLY A 57 6.93 -2.18 9.49
C GLY A 57 7.38 -3.06 10.64
N LEU A 58 7.22 -2.56 11.86
CA LEU A 58 7.95 -3.17 12.99
C LEU A 58 7.05 -4.05 13.88
N SER B 3 15.60 -0.74 -18.44
CA SER B 3 16.40 0.19 -17.58
C SER B 3 17.28 -0.61 -16.60
N GLY B 4 18.11 -1.53 -17.12
CA GLY B 4 19.01 -2.38 -16.32
C GLY B 4 19.60 -3.52 -17.11
N ASP B 5 20.92 -3.49 -17.36
CA ASP B 5 21.66 -4.47 -18.19
C ASP B 5 22.58 -5.34 -17.33
N LEU B 6 22.38 -6.66 -17.32
CA LEU B 6 23.28 -7.61 -16.61
C LEU B 6 24.50 -7.90 -17.49
N TYR B 7 25.69 -7.87 -16.89
CA TYR B 7 26.97 -8.30 -17.52
C TYR B 7 27.65 -9.36 -16.65
N GLU B 8 28.49 -10.18 -17.27
CA GLU B 8 29.17 -11.28 -16.56
C GLU B 8 30.40 -10.75 -15.80
N VAL B 9 30.50 -11.20 -14.56
CA VAL B 9 31.56 -10.81 -13.58
C VAL B 9 32.72 -11.80 -13.70
N GLU B 10 33.94 -11.27 -13.76
CA GLU B 10 35.19 -12.07 -13.72
C GLU B 10 35.73 -12.12 -12.28
N ARG B 11 35.73 -10.99 -11.56
CA ARG B 11 36.38 -10.87 -10.24
C ARG B 11 35.92 -9.56 -9.60
N ILE B 12 35.97 -9.49 -8.26
CA ILE B 12 35.83 -8.23 -7.48
C ILE B 12 37.25 -7.79 -7.13
N VAL B 13 37.61 -6.56 -7.48
CA VAL B 13 39.02 -6.10 -7.31
C VAL B 13 39.12 -5.02 -6.22
N ASP B 14 38.00 -4.53 -5.68
CA ASP B 14 38.04 -3.57 -4.56
C ASP B 14 36.65 -3.48 -3.93
N LYS B 15 36.56 -2.88 -2.77
CA LYS B 15 35.26 -2.60 -2.12
C LYS B 15 35.37 -1.35 -1.27
N ARG B 16 34.23 -0.71 -1.02
CA ARG B 16 34.09 0.54 -0.21
C ARG B 16 32.66 0.60 0.35
N LYS B 17 32.40 1.51 1.29
CA LYS B 17 31.04 1.72 1.87
C LYS B 17 30.39 2.95 1.22
N ASN B 18 29.06 2.91 1.03
CA ASN B 18 28.22 4.08 0.67
C ASN B 18 27.79 4.77 1.97
N LYS B 19 27.05 5.88 1.87
CA LYS B 19 26.57 6.70 3.02
C LYS B 19 25.69 5.85 3.95
N LYS B 20 24.88 4.95 3.39
CA LYS B 20 23.97 4.05 4.15
C LYS B 20 24.78 2.97 4.89
N GLY B 21 26.10 2.94 4.69
CA GLY B 21 27.01 1.94 5.30
C GLY B 21 26.96 0.61 4.57
N LYS B 22 26.57 0.62 3.29
CA LYS B 22 26.40 -0.59 2.44
C LYS B 22 27.56 -0.70 1.46
N TRP B 23 27.96 -1.94 1.16
CA TRP B 23 29.11 -2.24 0.28
C TRP B 23 28.83 -1.80 -1.16
N GLU B 24 29.85 -1.26 -1.80
CA GLU B 24 29.96 -1.13 -3.27
C GLU B 24 31.22 -1.89 -3.67
N TYR B 25 31.18 -2.58 -4.80
CA TYR B 25 32.26 -3.46 -5.26
C TYR B 25 32.78 -2.99 -6.59
N LEU B 26 34.11 -3.02 -6.75
CA LEU B 26 34.74 -2.66 -8.03
C LEU B 26 34.82 -3.94 -8.84
N ILE B 27 34.06 -3.99 -9.92
CA ILE B 27 33.83 -5.22 -10.71
C ILE B 27 34.78 -5.26 -11.91
N ARG B 28 35.51 -6.36 -12.04
CA ARG B 28 36.19 -6.74 -13.29
C ARG B 28 35.18 -7.51 -14.12
N TRP B 29 34.77 -6.94 -15.24
CA TRP B 29 33.75 -7.52 -16.16
C TRP B 29 34.45 -8.46 -17.14
N LYS B 30 33.95 -9.69 -17.26
CA LYS B 30 34.50 -10.69 -18.21
C LYS B 30 34.62 -10.09 -19.62
N GLY B 31 35.83 -10.15 -20.20
CA GLY B 31 36.09 -9.73 -21.59
C GLY B 31 36.67 -8.33 -21.69
N TYR B 32 36.29 -7.42 -20.78
CA TYR B 32 36.47 -5.95 -20.96
C TYR B 32 37.79 -5.45 -20.37
N GLY B 33 38.37 -6.20 -19.44
CA GLY B 33 39.65 -5.86 -18.79
C GLY B 33 39.54 -4.63 -17.88
N SER B 34 40.68 -4.23 -17.30
CA SER B 34 40.80 -3.32 -16.14
C SER B 34 40.25 -1.92 -16.43
N THR B 35 40.39 -1.42 -17.66
CA THR B 35 40.00 0.00 -17.93
C THR B 35 38.48 0.14 -17.83
N GLU B 36 37.73 -0.97 -17.89
CA GLU B 36 36.24 -0.94 -17.89
C GLU B 36 35.67 -1.25 -16.49
N ASP B 37 36.50 -1.46 -15.49
CA ASP B 37 36.04 -1.73 -14.10
C ASP B 37 35.05 -0.64 -13.70
N THR B 38 33.95 -1.01 -13.04
CA THR B 38 32.99 -0.04 -12.47
C THR B 38 32.63 -0.43 -11.04
N TRP B 39 32.34 0.58 -10.21
CA TRP B 39 31.82 0.43 -8.84
C TRP B 39 30.33 0.12 -8.95
N GLU B 40 29.93 -0.97 -8.34
CA GLU B 40 28.51 -1.37 -8.34
C GLU B 40 28.05 -1.57 -6.91
N PRO B 41 26.86 -1.05 -6.56
CA PRO B 41 26.24 -1.36 -5.28
C PRO B 41 26.02 -2.88 -5.09
N GLU B 42 26.10 -3.34 -3.85
CA GLU B 42 25.99 -4.79 -3.55
C GLU B 42 24.65 -5.34 -4.06
N HIS B 43 23.58 -4.56 -4.13
CA HIS B 43 22.25 -5.07 -4.57
C HIS B 43 22.20 -5.28 -6.09
N HIS B 44 23.22 -4.86 -6.84
CA HIS B 44 23.34 -5.16 -8.29
C HIS B 44 23.82 -6.60 -8.54
N LEU B 45 24.38 -7.27 -7.55
CA LEU B 45 25.10 -8.55 -7.77
C LEU B 45 24.13 -9.71 -7.62
N LEU B 46 24.12 -10.62 -8.60
CA LEU B 46 23.29 -11.85 -8.59
C LEU B 46 24.20 -13.03 -8.30
N HIS B 47 24.06 -13.61 -7.12
CA HIS B 47 24.73 -14.87 -6.73
C HIS B 47 26.25 -14.71 -6.82
N CYS B 48 26.77 -13.58 -6.37
CA CYS B 48 28.22 -13.28 -6.44
C CYS B 48 28.91 -13.53 -5.10
N GLU B 49 28.34 -14.32 -4.18
CA GLU B 49 28.93 -14.55 -2.83
C GLU B 49 30.36 -15.09 -2.96
N GLU B 50 30.62 -15.96 -3.93
CA GLU B 50 31.97 -16.58 -4.09
C GLU B 50 32.98 -15.48 -4.45
N PHE B 51 32.61 -14.50 -5.27
CA PHE B 51 33.53 -13.39 -5.63
C PHE B 51 33.82 -12.53 -4.39
N ILE B 52 32.83 -12.31 -3.55
CA ILE B 52 32.98 -11.47 -2.33
C ILE B 52 33.92 -12.20 -1.38
N ASP B 53 33.68 -13.51 -1.18
CA ASP B 53 34.51 -14.36 -0.29
C ASP B 53 35.95 -14.36 -0.80
N GLU B 54 36.15 -14.52 -2.10
CA GLU B 54 37.49 -14.53 -2.74
C GLU B 54 38.19 -13.21 -2.39
N PHE B 55 37.52 -12.08 -2.56
CA PHE B 55 38.11 -10.74 -2.31
C PHE B 55 38.52 -10.62 -0.84
N ASN B 56 37.68 -11.13 0.06
CA ASN B 56 37.82 -10.99 1.54
C ASN B 56 38.85 -11.99 2.08
N GLY B 57 39.26 -12.96 1.27
CA GLY B 57 40.28 -13.97 1.61
C GLY B 57 41.68 -13.48 1.24
N GLY C 1 30.59 -10.55 -21.30
CA GLY C 1 29.67 -9.69 -22.11
C GLY C 1 28.31 -9.57 -21.47
N ALA C 2 27.35 -9.00 -22.21
CA ALA C 2 25.94 -8.80 -21.79
C ALA C 2 25.30 -10.17 -21.58
N SER C 3 24.47 -10.31 -20.53
CA SER C 3 23.69 -11.54 -20.27
C SER C 3 22.66 -11.71 -21.38
N GLY C 4 22.14 -12.93 -21.54
CA GLY C 4 20.91 -13.17 -22.31
C GLY C 4 19.77 -12.40 -21.66
N ASP C 5 18.56 -12.47 -22.24
CA ASP C 5 17.34 -12.05 -21.52
C ASP C 5 17.08 -13.12 -20.44
N LEU C 6 16.45 -12.72 -19.34
CA LEU C 6 15.79 -13.66 -18.42
C LEU C 6 14.56 -14.24 -19.15
N TYR C 7 14.38 -15.56 -19.09
CA TYR C 7 13.21 -16.28 -19.66
C TYR C 7 12.54 -17.02 -18.51
N GLU C 8 11.23 -17.19 -18.60
CA GLU C 8 10.43 -17.86 -17.55
C GLU C 8 10.68 -19.37 -17.62
N VAL C 9 10.87 -19.97 -16.45
CA VAL C 9 11.11 -21.43 -16.28
C VAL C 9 9.76 -22.12 -16.17
N GLU C 10 9.62 -23.29 -16.81
CA GLU C 10 8.45 -24.19 -16.63
C GLU C 10 8.77 -25.21 -15.53
N ARG C 11 9.93 -25.85 -15.61
CA ARG C 11 10.42 -26.82 -14.60
C ARG C 11 11.88 -27.15 -14.90
N ILE C 12 12.52 -27.90 -14.01
CA ILE C 12 13.90 -28.42 -14.23
C ILE C 12 13.82 -29.88 -14.70
N VAL C 13 14.39 -30.20 -15.86
CA VAL C 13 14.31 -31.55 -16.50
C VAL C 13 15.40 -32.45 -15.90
N ASP C 14 16.60 -31.90 -15.66
CA ASP C 14 17.72 -32.69 -15.09
C ASP C 14 18.78 -31.72 -14.54
N LYS C 15 19.83 -32.27 -13.95
CA LYS C 15 21.00 -31.49 -13.50
C LYS C 15 22.28 -32.26 -13.82
N ARG C 16 23.39 -31.53 -13.90
CA ARG C 16 24.75 -32.11 -14.05
C ARG C 16 25.73 -31.19 -13.31
N LYS C 17 26.94 -31.67 -13.06
CA LYS C 17 28.01 -30.92 -12.35
C LYS C 17 28.86 -30.17 -13.38
N ASN C 18 29.31 -28.96 -13.02
CA ASN C 18 30.42 -28.26 -13.73
C ASN C 18 31.71 -28.73 -13.05
N LYS C 19 32.87 -28.38 -13.63
CA LYS C 19 34.20 -28.84 -13.13
C LYS C 19 34.45 -28.35 -11.70
N LYS C 20 33.69 -27.36 -11.22
CA LYS C 20 33.86 -26.73 -9.89
C LYS C 20 32.89 -27.36 -8.87
N GLY C 21 32.10 -28.36 -9.28
CA GLY C 21 31.15 -29.07 -8.39
C GLY C 21 29.91 -28.25 -8.07
N LYS C 22 29.56 -27.28 -8.92
CA LYS C 22 28.28 -26.53 -8.82
C LYS C 22 27.33 -27.13 -9.86
N TRP C 23 26.02 -26.91 -9.69
CA TRP C 23 24.95 -27.54 -10.50
C TRP C 23 24.72 -26.76 -11.81
N GLU C 24 24.45 -27.47 -12.91
CA GLU C 24 23.87 -26.90 -14.14
C GLU C 24 22.53 -27.59 -14.34
N TYR C 25 21.47 -26.84 -14.61
CA TYR C 25 20.08 -27.36 -14.72
C TYR C 25 19.69 -27.33 -16.18
N LEU C 26 19.21 -28.47 -16.71
CA LEU C 26 18.50 -28.53 -18.01
C LEU C 26 17.12 -27.90 -17.74
N ILE C 27 16.88 -26.77 -18.39
CA ILE C 27 15.65 -25.96 -18.14
C ILE C 27 14.65 -26.27 -19.24
N ARG C 28 13.44 -26.61 -18.81
CA ARG C 28 12.22 -26.53 -19.63
C ARG C 28 11.71 -25.10 -19.50
N TRP C 29 11.74 -24.37 -20.60
CA TRP C 29 11.35 -22.94 -20.67
C TRP C 29 9.85 -22.82 -20.87
N LYS C 30 9.18 -21.99 -20.09
CA LYS C 30 7.70 -21.84 -20.19
C LYS C 30 7.34 -21.42 -21.61
N GLY C 31 6.35 -22.11 -22.19
CA GLY C 31 5.83 -21.83 -23.55
C GLY C 31 6.66 -22.47 -24.63
N TYR C 32 7.58 -23.35 -24.25
CA TYR C 32 8.49 -24.07 -25.18
C TYR C 32 8.53 -25.57 -24.84
N GLY C 33 8.76 -26.41 -25.86
CA GLY C 33 8.90 -27.88 -25.73
C GLY C 33 10.35 -28.26 -25.48
N SER C 34 10.63 -29.57 -25.43
CA SER C 34 11.95 -30.14 -25.04
C SER C 34 13.02 -29.79 -26.09
N THR C 35 12.60 -29.29 -27.27
CA THR C 35 13.52 -28.78 -28.33
C THR C 35 14.34 -27.61 -27.79
N GLU C 36 13.66 -26.58 -27.25
CA GLU C 36 14.24 -25.29 -26.81
C GLU C 36 14.97 -25.44 -25.48
N ASP C 37 15.04 -26.65 -24.92
CA ASP C 37 15.72 -26.92 -23.62
C ASP C 37 17.18 -26.41 -23.74
N THR C 38 17.69 -25.76 -22.69
CA THR C 38 19.11 -25.33 -22.59
C THR C 38 19.66 -25.66 -21.20
N TRP C 39 20.94 -25.97 -21.11
CA TRP C 39 21.64 -26.19 -19.82
C TRP C 39 22.10 -24.82 -19.30
N GLU C 40 21.69 -24.48 -18.08
CA GLU C 40 22.02 -23.18 -17.46
C GLU C 40 22.71 -23.45 -16.13
N PRO C 41 23.85 -22.76 -15.86
CA PRO C 41 24.44 -22.80 -14.52
C PRO C 41 23.48 -22.28 -13.45
N GLU C 42 23.59 -22.80 -12.22
CA GLU C 42 22.68 -22.47 -11.09
C GLU C 42 22.70 -20.96 -10.78
N HIS C 43 23.81 -20.26 -11.06
CA HIS C 43 23.88 -18.79 -10.78
C HIS C 43 23.05 -18.01 -11.81
N HIS C 44 22.50 -18.66 -12.85
CA HIS C 44 21.57 -18.03 -13.83
C HIS C 44 20.15 -17.95 -13.29
N LEU C 45 19.85 -18.67 -12.20
CA LEU C 45 18.46 -18.90 -11.72
C LEU C 45 18.11 -17.87 -10.65
N LEU C 46 17.00 -17.15 -10.85
CA LEU C 46 16.53 -16.11 -9.91
C LEU C 46 15.33 -16.67 -9.14
N HIS C 47 15.47 -16.91 -7.83
CA HIS C 47 14.37 -17.35 -6.94
C HIS C 47 13.69 -18.61 -7.51
N CYS C 48 14.49 -19.54 -8.06
CA CYS C 48 13.98 -20.82 -8.62
C CYS C 48 14.05 -21.96 -7.59
N GLU C 49 14.16 -21.67 -6.28
CA GLU C 49 14.29 -22.71 -5.22
C GLU C 49 13.15 -23.72 -5.35
N GLU C 50 11.91 -23.26 -5.50
CA GLU C 50 10.70 -24.13 -5.55
C GLU C 50 10.86 -25.14 -6.69
N PHE C 51 11.40 -24.75 -7.86
CA PHE C 51 11.65 -25.66 -9.00
C PHE C 51 12.74 -26.68 -8.68
N ILE C 52 13.84 -26.26 -8.04
CA ILE C 52 14.99 -27.15 -7.71
C ILE C 52 14.46 -28.20 -6.73
N ASP C 53 13.70 -27.76 -5.71
CA ASP C 53 13.02 -28.60 -4.70
C ASP C 53 12.15 -29.65 -5.41
N GLU C 54 11.31 -29.23 -6.35
CA GLU C 54 10.41 -30.13 -7.13
C GLU C 54 11.24 -31.22 -7.81
N PHE C 55 12.35 -30.85 -8.47
CA PHE C 55 13.23 -31.78 -9.24
C PHE C 55 13.89 -32.80 -8.31
N ASN C 56 14.33 -32.35 -7.13
CA ASN C 56 15.00 -33.21 -6.11
C ASN C 56 13.94 -33.98 -5.31
N GLY C 57 12.72 -33.47 -5.20
CA GLY C 57 11.62 -34.10 -4.43
C GLY C 57 10.55 -33.10 -4.03
N GLY D 4 -10.87 21.08 13.53
CA GLY D 4 -11.41 19.83 12.89
C GLY D 4 -12.34 20.15 11.74
N ASP D 5 -11.81 20.24 10.52
CA ASP D 5 -12.51 20.81 9.34
C ASP D 5 -12.71 19.72 8.28
N LEU D 6 -13.96 19.44 7.91
CA LEU D 6 -14.33 18.48 6.83
C LEU D 6 -14.28 19.19 5.47
N TYR D 7 -13.45 18.69 4.55
CA TYR D 7 -13.36 19.17 3.15
C TYR D 7 -13.76 18.07 2.19
N GLU D 8 -14.26 18.46 1.05
CA GLU D 8 -14.73 17.51 0.03
C GLU D 8 -13.54 16.91 -0.72
N VAL D 9 -13.57 15.58 -0.84
CA VAL D 9 -12.54 14.78 -1.56
C VAL D 9 -12.91 14.71 -3.04
N GLU D 10 -11.93 14.98 -3.91
N GLU D 10 -11.93 14.86 -3.92
CA GLU D 10 -12.02 14.77 -5.37
CA GLU D 10 -12.14 14.60 -5.38
C GLU D 10 -11.61 13.33 -5.72
C GLU D 10 -11.57 13.23 -5.78
N ARG D 11 -10.50 12.86 -5.15
N ARG D 11 -10.36 12.90 -5.31
CA ARG D 11 -9.93 11.53 -5.50
CA ARG D 11 -9.66 11.63 -5.68
C ARG D 11 -8.75 11.22 -4.59
C ARG D 11 -8.72 11.23 -4.55
N ILE D 12 -8.46 9.93 -4.40
CA ILE D 12 -7.24 9.46 -3.66
C ILE D 12 -6.14 9.25 -4.70
N VAL D 13 -5.00 9.91 -4.46
N VAL D 13 -4.97 9.84 -4.53
CA VAL D 13 -3.83 10.07 -5.39
CA VAL D 13 -3.90 9.79 -5.58
C VAL D 13 -2.83 8.95 -5.11
C VAL D 13 -2.68 9.01 -5.08
N ASP D 14 -2.71 8.52 -3.85
CA ASP D 14 -1.62 7.63 -3.37
C ASP D 14 -2.01 7.07 -2.01
N LYS D 15 -1.29 6.05 -1.56
CA LYS D 15 -1.49 5.53 -0.19
C LYS D 15 -0.17 5.03 0.36
N ARG D 16 -0.13 4.90 1.67
CA ARG D 16 1.02 4.32 2.39
C ARG D 16 0.52 3.85 3.76
N LYS D 17 1.36 3.10 4.49
N LYS D 17 1.35 3.12 4.53
CA LYS D 17 1.06 2.66 5.87
CA LYS D 17 0.97 2.62 5.88
C LYS D 17 1.70 3.65 6.85
C LYS D 17 1.74 3.41 6.94
N ASN D 18 1.04 3.91 7.98
CA ASN D 18 1.64 4.66 9.10
C ASN D 18 2.38 3.65 9.99
N LYS D 19 3.06 4.11 11.04
CA LYS D 19 3.89 3.24 11.93
C LYS D 19 3.01 2.22 12.67
N LYS D 20 1.70 2.49 12.84
CA LYS D 20 0.71 1.59 13.49
C LYS D 20 0.12 0.59 12.49
N GLY D 21 0.53 0.66 11.21
CA GLY D 21 0.09 -0.27 10.15
C GLY D 21 -1.27 0.10 9.59
N LYS D 22 -1.72 1.34 9.81
CA LYS D 22 -3.00 1.85 9.27
C LYS D 22 -2.72 2.61 7.98
N TRP D 23 -3.61 2.52 7.02
CA TRP D 23 -3.47 3.27 5.76
C TRP D 23 -3.54 4.77 5.99
N GLU D 24 -2.75 5.50 5.21
CA GLU D 24 -2.86 6.96 5.02
C GLU D 24 -3.05 7.19 3.53
N TYR D 25 -3.83 8.18 3.17
CA TYR D 25 -4.21 8.43 1.77
C TYR D 25 -3.81 9.85 1.38
N LEU D 26 -3.19 9.97 0.22
CA LEU D 26 -2.89 11.31 -0.35
C LEU D 26 -4.14 11.80 -1.07
N ILE D 27 -4.71 12.87 -0.55
CA ILE D 27 -6.05 13.35 -0.97
C ILE D 27 -5.87 14.49 -1.97
N ARG D 28 -6.55 14.38 -3.09
CA ARG D 28 -6.86 15.52 -3.99
C ARG D 28 -8.18 16.11 -3.50
N TRP D 29 -8.14 17.35 -3.08
CA TRP D 29 -9.31 18.03 -2.49
C TRP D 29 -10.09 18.72 -3.61
N LYS D 30 -11.41 18.54 -3.63
CA LYS D 30 -12.24 19.18 -4.68
C LYS D 30 -12.02 20.70 -4.65
N GLY D 31 -11.75 21.26 -5.83
CA GLY D 31 -11.56 22.72 -6.01
C GLY D 31 -10.14 23.19 -5.78
N TYR D 32 -9.21 22.29 -5.45
CA TYR D 32 -7.78 22.59 -5.17
C TYR D 32 -6.87 21.80 -6.12
N GLY D 33 -5.68 22.32 -6.39
CA GLY D 33 -4.71 21.66 -7.29
C GLY D 33 -3.82 20.70 -6.54
N SER D 34 -2.94 20.00 -7.27
CA SER D 34 -1.99 19.01 -6.72
C SER D 34 -1.16 19.63 -5.59
N THR D 35 -0.83 20.92 -5.66
CA THR D 35 0.02 21.60 -4.65
C THR D 35 -0.64 21.53 -3.25
N GLU D 36 -1.96 21.34 -3.19
CA GLU D 36 -2.77 21.34 -1.94
C GLU D 36 -3.01 19.91 -1.44
N ASP D 37 -2.52 18.90 -2.14
CA ASP D 37 -2.75 17.48 -1.73
C ASP D 37 -2.15 17.26 -0.35
N THR D 38 -2.84 16.53 0.53
CA THR D 38 -2.34 16.24 1.89
C THR D 38 -2.52 14.76 2.20
N TRP D 39 -1.61 14.21 2.99
CA TRP D 39 -1.70 12.83 3.52
C TRP D 39 -2.64 12.81 4.70
N GLU D 40 -3.68 11.99 4.62
CA GLU D 40 -4.70 11.92 5.70
C GLU D 40 -4.83 10.49 6.20
N PRO D 41 -4.77 10.29 7.52
CA PRO D 41 -5.01 8.98 8.11
C PRO D 41 -6.44 8.51 7.79
N GLU D 42 -6.60 7.20 7.70
CA GLU D 42 -7.89 6.60 7.30
C GLU D 42 -9.02 7.04 8.25
N HIS D 43 -8.76 7.28 9.54
CA HIS D 43 -9.83 7.68 10.50
C HIS D 43 -10.34 9.11 10.22
N HIS D 44 -9.70 9.87 9.32
CA HIS D 44 -10.21 11.20 8.90
C HIS D 44 -11.35 11.06 7.88
N LEU D 45 -11.50 9.90 7.24
CA LEU D 45 -12.34 9.79 6.01
C LEU D 45 -13.77 9.41 6.40
N LEU D 46 -14.74 10.14 5.90
CA LEU D 46 -16.18 9.90 6.18
C LEU D 46 -16.82 9.29 4.93
N HIS D 47 -17.17 8.02 4.98
CA HIS D 47 -17.87 7.33 3.88
C HIS D 47 -17.08 7.45 2.57
N CYS D 48 -15.76 7.27 2.61
CA CYS D 48 -14.91 7.39 1.41
C CYS D 48 -14.55 6.03 0.80
N GLU D 49 -15.27 4.97 1.16
CA GLU D 49 -14.97 3.61 0.64
C GLU D 49 -14.88 3.64 -0.89
N GLU D 50 -15.77 4.31 -1.61
CA GLU D 50 -15.71 4.28 -3.09
C GLU D 50 -14.39 4.87 -3.59
N PHE D 51 -13.85 5.91 -2.94
CA PHE D 51 -12.58 6.51 -3.40
C PHE D 51 -11.44 5.53 -3.15
N ILE D 52 -11.50 4.80 -2.03
CA ILE D 52 -10.46 3.80 -1.70
C ILE D 52 -10.52 2.67 -2.73
N ASP D 53 -11.72 2.16 -3.01
CA ASP D 53 -11.90 1.07 -4.00
C ASP D 53 -11.46 1.52 -5.39
N GLU D 54 -11.74 2.77 -5.76
CA GLU D 54 -11.34 3.32 -7.07
C GLU D 54 -9.81 3.30 -7.16
N PHE D 55 -9.12 3.79 -6.13
CA PHE D 55 -7.65 3.82 -6.10
C PHE D 55 -7.11 2.38 -6.17
N ASN D 56 -7.67 1.46 -5.38
CA ASN D 56 -7.18 0.05 -5.32
C ASN D 56 -7.54 -0.68 -6.62
N GLY D 57 -8.50 -0.18 -7.39
CA GLY D 57 -8.95 -0.79 -8.65
C GLY D 57 -8.08 -0.42 -9.85
N LEU D 58 -7.17 0.54 -9.71
CA LEU D 58 -6.47 1.14 -10.86
C LEU D 58 -5.65 0.10 -11.59
N HIS D 59 -5.05 -0.85 -10.88
CA HIS D 59 -4.06 -1.77 -11.50
C HIS D 59 -4.56 -3.21 -11.49
N MET D 60 -5.88 -3.40 -11.46
CA MET D 60 -6.45 -4.77 -11.51
C MET D 60 -6.41 -5.31 -12.94
N SER D 61 -6.71 -4.48 -13.94
CA SER D 61 -6.64 -4.79 -15.39
C SER D 61 -7.89 -5.59 -15.82
N SER E 3 -15.07 24.48 4.16
CA SER E 3 -15.38 23.22 4.91
C SER E 3 -16.88 22.89 4.82
N GLY E 4 -17.24 21.67 5.23
CA GLY E 4 -18.64 21.23 5.40
C GLY E 4 -19.14 21.52 6.80
N ASP E 5 -20.47 21.67 6.97
CA ASP E 5 -21.12 22.07 8.25
C ASP E 5 -22.11 20.99 8.72
N LEU E 6 -21.85 20.36 9.86
CA LEU E 6 -22.72 19.33 10.50
C LEU E 6 -23.88 20.00 11.25
N TYR E 7 -25.11 19.56 10.99
CA TYR E 7 -26.33 19.99 11.72
C TYR E 7 -27.01 18.76 12.30
N GLU E 8 -27.74 18.97 13.39
CA GLU E 8 -28.49 17.90 14.07
C GLU E 8 -29.75 17.57 13.28
N VAL E 9 -29.96 16.28 13.04
CA VAL E 9 -31.14 15.72 12.31
C VAL E 9 -32.26 15.57 13.34
N GLU E 10 -33.47 16.02 12.98
N GLU E 10 -33.47 16.01 12.97
CA GLU E 10 -34.71 15.76 13.74
CA GLU E 10 -34.71 15.75 13.74
C GLU E 10 -35.28 14.40 13.28
C GLU E 10 -35.29 14.41 13.27
N ARG E 11 -35.42 14.22 11.96
CA ARG E 11 -35.83 12.95 11.32
C ARG E 11 -35.63 13.01 9.80
N ILE E 12 -35.79 11.86 9.16
CA ILE E 12 -35.81 11.69 7.68
C ILE E 12 -37.28 11.63 7.25
N VAL E 13 -37.65 12.41 6.24
CA VAL E 13 -39.08 12.60 5.85
C VAL E 13 -39.32 12.09 4.42
N ASP E 14 -38.27 11.85 3.64
CA ASP E 14 -38.41 11.26 2.29
C ASP E 14 -37.06 10.68 1.86
N LYS E 15 -37.04 9.86 0.81
CA LYS E 15 -35.80 9.37 0.20
C LYS E 15 -36.00 9.13 -1.28
N ARG E 16 -34.91 9.16 -2.01
CA ARG E 16 -34.84 8.84 -3.46
C ARG E 16 -33.43 8.35 -3.76
N LYS E 17 -33.19 7.93 -5.00
CA LYS E 17 -31.85 7.50 -5.48
C LYS E 17 -31.31 8.56 -6.43
N ASN E 18 -30.02 8.88 -6.32
CA ASN E 18 -29.30 9.71 -7.30
C ASN E 18 -29.03 8.87 -8.56
N LYS E 19 -28.38 9.44 -9.58
CA LYS E 19 -28.16 8.82 -10.91
C LYS E 19 -27.21 7.62 -10.80
N LYS E 20 -26.41 7.55 -9.73
CA LYS E 20 -25.44 6.45 -9.48
C LYS E 20 -26.08 5.38 -8.59
N GLY E 21 -27.36 5.55 -8.24
CA GLY E 21 -28.14 4.56 -7.48
C GLY E 21 -27.86 4.60 -5.99
N LYS E 22 -27.33 5.72 -5.49
CA LYS E 22 -27.05 5.91 -4.04
CA LYS E 22 -27.04 5.93 -4.05
C LYS E 22 -28.20 6.72 -3.42
N TRP E 23 -28.62 6.35 -2.20
CA TRP E 23 -29.72 7.03 -1.47
C TRP E 23 -29.38 8.51 -1.26
N GLU E 24 -30.39 9.36 -1.45
CA GLU E 24 -30.46 10.75 -0.94
C GLU E 24 -31.67 10.84 -0.01
N TYR E 25 -31.56 11.57 1.09
CA TYR E 25 -32.57 11.64 2.17
C TYR E 25 -33.00 13.09 2.30
N LEU E 26 -34.31 13.29 2.38
CA LEU E 26 -34.86 14.63 2.66
C LEU E 26 -34.85 14.80 4.18
N ILE E 27 -34.00 15.70 4.65
CA ILE E 27 -33.72 15.82 6.11
C ILE E 27 -34.60 16.89 6.71
N ARG E 28 -35.32 16.54 7.78
CA ARG E 28 -35.91 17.50 8.75
C ARG E 28 -34.84 17.81 9.79
N TRP E 29 -34.36 19.05 9.80
CA TRP E 29 -33.28 19.52 10.69
C TRP E 29 -33.86 19.92 12.05
N LYS E 30 -33.13 19.62 13.13
CA LYS E 30 -33.56 19.93 14.51
C LYS E 30 -33.66 21.44 14.69
N GLY E 31 -34.81 21.90 15.21
CA GLY E 31 -35.12 23.32 15.45
C GLY E 31 -35.65 24.01 14.21
N TYR E 32 -35.99 23.25 13.16
CA TYR E 32 -36.52 23.81 11.89
C TYR E 32 -37.72 23.00 11.41
N GLY E 33 -38.45 23.56 10.44
CA GLY E 33 -39.65 22.93 9.86
C GLY E 33 -39.44 22.55 8.41
N SER E 34 -40.52 22.13 7.74
CA SER E 34 -40.48 21.52 6.39
C SER E 34 -39.83 22.47 5.39
N THR E 35 -39.98 23.79 5.54
CA THR E 35 -39.46 24.78 4.54
C THR E 35 -37.93 24.76 4.56
N GLU E 36 -37.31 24.24 5.61
CA GLU E 36 -35.82 24.16 5.73
C GLU E 36 -35.34 22.75 5.34
N ASP E 37 -36.22 21.84 4.96
CA ASP E 37 -35.81 20.46 4.60
C ASP E 37 -34.86 20.54 3.41
N THR E 38 -33.78 19.77 3.43
CA THR E 38 -32.85 19.70 2.28
C THR E 38 -32.59 18.22 1.92
N TRP E 39 -32.38 17.96 0.64
CA TRP E 39 -31.93 16.65 0.12
C TRP E 39 -30.43 16.52 0.33
N GLU E 40 -30.06 15.50 1.10
CA GLU E 40 -28.63 15.23 1.41
C GLU E 40 -28.27 13.85 0.87
N PRO E 41 -27.11 13.75 0.18
CA PRO E 41 -26.55 12.46 -0.16
C PRO E 41 -26.28 11.62 1.10
N GLU E 42 -26.43 10.30 1.00
CA GLU E 42 -26.21 9.40 2.16
C GLU E 42 -24.81 9.60 2.73
N HIS E 43 -23.79 9.96 1.94
CA HIS E 43 -22.43 10.09 2.50
C HIS E 43 -22.31 11.33 3.38
N HIS E 44 -23.33 12.19 3.42
CA HIS E 44 -23.36 13.33 4.36
C HIS E 44 -23.76 12.91 5.77
N LEU E 45 -24.31 11.71 5.97
CA LEU E 45 -24.95 11.32 7.25
C LEU E 45 -23.94 10.64 8.17
N LEU E 46 -23.87 11.07 9.44
CA LEU E 46 -23.02 10.42 10.47
C LEU E 46 -23.89 9.61 11.43
N HIS E 47 -23.77 8.29 11.41
CA HIS E 47 -24.44 7.39 12.38
C HIS E 47 -25.95 7.67 12.43
N CYS E 48 -26.55 7.87 11.25
CA CYS E 48 -28.00 8.17 11.12
C CYS E 48 -28.83 6.90 10.81
N GLU E 49 -28.27 5.71 11.04
CA GLU E 49 -28.97 4.41 10.82
C GLU E 49 -30.34 4.42 11.49
N GLU E 50 -30.46 4.89 12.75
CA GLU E 50 -31.73 4.87 13.53
C GLU E 50 -32.81 5.74 12.85
N PHE E 51 -32.42 6.87 12.27
CA PHE E 51 -33.35 7.75 11.52
C PHE E 51 -33.76 7.09 10.20
N ILE E 52 -32.82 6.43 9.52
CA ILE E 52 -33.07 5.69 8.24
C ILE E 52 -34.05 4.55 8.55
N ASP E 53 -33.79 3.78 9.62
CA ASP E 53 -34.66 2.67 10.11
C ASP E 53 -36.04 3.24 10.45
N GLU E 54 -36.10 4.36 11.18
CA GLU E 54 -37.36 5.01 11.65
C GLU E 54 -38.20 5.44 10.45
N PHE E 55 -37.57 6.03 9.43
CA PHE E 55 -38.27 6.47 8.19
C PHE E 55 -38.76 5.25 7.42
N ASN E 56 -37.88 4.24 7.29
CA ASN E 56 -38.20 2.98 6.57
C ASN E 56 -39.28 2.20 7.34
N GLY E 57 -39.50 2.50 8.62
CA GLY E 57 -40.51 1.86 9.49
C GLY E 57 -41.82 2.66 9.55
N LEU E 58 -41.85 3.89 9.02
CA LEU E 58 -43.01 4.82 9.09
C LEU E 58 -44.29 4.08 8.69
N SER F 3 -24.32 22.84 14.13
CA SER F 3 -23.90 22.76 15.55
C SER F 3 -22.55 22.05 15.67
N GLY F 4 -22.51 20.74 15.34
CA GLY F 4 -21.39 19.82 15.61
C GLY F 4 -20.02 20.42 15.38
N ASP F 5 -19.15 20.35 16.40
CA ASP F 5 -17.69 20.65 16.30
C ASP F 5 -16.89 19.40 16.73
N LEU F 6 -16.07 18.89 15.81
CA LEU F 6 -15.21 17.68 16.04
C LEU F 6 -13.92 18.09 16.76
N TYR F 7 -13.61 17.43 17.87
CA TYR F 7 -12.33 17.58 18.60
C TYR F 7 -11.64 16.22 18.65
N GLU F 8 -10.33 16.25 18.78
CA GLU F 8 -9.53 15.02 18.86
C GLU F 8 -9.67 14.43 20.26
N VAL F 9 -9.84 13.11 20.28
CA VAL F 9 -9.96 12.30 21.51
C VAL F 9 -8.58 11.83 21.96
N GLU F 10 -8.31 11.92 23.27
CA GLU F 10 -7.11 11.35 23.91
C GLU F 10 -7.43 9.92 24.35
N ARG F 11 -8.54 9.74 25.05
CA ARG F 11 -8.97 8.37 25.45
C ARG F 11 -10.40 8.42 25.99
N ILE F 12 -11.00 7.24 26.08
CA ILE F 12 -12.33 7.07 26.71
C ILE F 12 -12.06 6.66 28.17
N VAL F 13 -12.62 7.43 29.09
CA VAL F 13 -12.35 7.31 30.54
C VAL F 13 -13.35 6.36 31.16
N ASP F 14 -14.57 6.33 30.66
CA ASP F 14 -15.68 5.52 31.23
C ASP F 14 -16.76 5.40 30.17
N LYS F 15 -17.73 4.51 30.40
CA LYS F 15 -18.97 4.40 29.57
C LYS F 15 -20.15 4.07 30.48
N ARG F 16 -21.34 4.42 30.03
CA ARG F 16 -22.61 4.13 30.75
C ARG F 16 -23.72 3.97 29.71
N LYS F 17 -24.85 3.37 30.10
CA LYS F 17 -26.08 3.28 29.26
C LYS F 17 -26.97 4.48 29.58
N ASN F 18 -27.55 5.10 28.54
CA ASN F 18 -28.50 6.24 28.66
C ASN F 18 -29.93 5.66 28.76
N LYS F 19 -30.95 6.52 28.61
CA LYS F 19 -32.40 6.19 28.75
C LYS F 19 -32.84 5.24 27.63
N LYS F 20 -32.27 5.38 26.43
CA LYS F 20 -32.65 4.61 25.22
C LYS F 20 -31.79 3.34 25.11
N GLY F 21 -31.03 2.98 26.16
CA GLY F 21 -30.16 1.79 26.20
C GLY F 21 -28.97 1.92 25.26
N LYS F 22 -28.57 3.16 24.93
CA LYS F 22 -27.42 3.49 24.05
C LYS F 22 -26.21 3.90 24.90
N TRP F 23 -25.00 3.67 24.40
CA TRP F 23 -23.74 4.02 25.10
C TRP F 23 -23.53 5.54 25.11
N GLU F 24 -23.08 6.06 26.24
CA GLU F 24 -22.42 7.38 26.34
C GLU F 24 -21.01 7.15 26.87
N TYR F 25 -20.02 7.87 26.34
CA TYR F 25 -18.59 7.72 26.71
C TYR F 25 -18.11 9.00 27.36
N LEU F 26 -17.43 8.87 28.50
CA LEU F 26 -16.69 10.00 29.13
C LEU F 26 -15.38 10.18 28.35
N ILE F 27 -15.26 11.31 27.67
CA ILE F 27 -14.11 11.60 26.75
C ILE F 27 -13.10 12.49 27.48
N ARG F 28 -11.84 12.09 27.43
CA ARG F 28 -10.68 12.96 27.68
C ARG F 28 -10.29 13.52 26.32
N TRP F 29 -10.39 14.84 26.17
CA TRP F 29 -10.09 15.52 24.88
C TRP F 29 -8.59 15.79 24.82
N LYS F 30 -7.98 15.48 23.69
CA LYS F 30 -6.54 15.71 23.45
C LYS F 30 -6.20 17.18 23.66
N GLY F 31 -5.17 17.44 24.46
CA GLY F 31 -4.67 18.79 24.77
C GLY F 31 -5.44 19.49 25.89
N TYR F 32 -6.34 18.79 26.60
CA TYR F 32 -7.12 19.38 27.71
C TYR F 32 -7.04 18.50 28.96
N GLY F 33 -7.16 19.13 30.14
CA GLY F 33 -7.22 18.43 31.43
C GLY F 33 -8.61 17.86 31.68
N SER F 34 -8.77 17.18 32.81
CA SER F 34 -10.02 16.46 33.16
C SER F 34 -11.18 17.44 33.39
N THR F 35 -10.87 18.72 33.63
CA THR F 35 -11.89 19.80 33.80
C THR F 35 -12.75 19.85 32.53
N GLU F 36 -12.16 19.54 31.36
CA GLU F 36 -12.87 19.61 30.04
C GLU F 36 -13.54 18.28 29.65
N ASP F 37 -13.47 17.23 30.47
CA ASP F 37 -14.11 15.94 30.14
C ASP F 37 -15.62 16.12 29.92
N THR F 38 -16.19 15.42 28.95
CA THR F 38 -17.65 15.40 28.70
C THR F 38 -18.13 13.99 28.39
N TRP F 39 -19.38 13.70 28.76
CA TRP F 39 -20.12 12.47 28.39
C TRP F 39 -20.72 12.72 27.01
N GLU F 40 -20.33 11.91 26.04
CA GLU F 40 -20.78 12.08 24.65
C GLU F 40 -21.53 10.83 24.24
N PRO F 41 -22.71 10.98 23.61
CA PRO F 41 -23.42 9.85 23.04
C PRO F 41 -22.60 9.18 21.93
N GLU F 42 -22.82 7.90 21.74
CA GLU F 42 -21.94 7.11 20.84
C GLU F 42 -22.02 7.65 19.41
N HIS F 43 -23.13 8.23 18.97
CA HIS F 43 -23.25 8.72 17.56
C HIS F 43 -22.40 9.97 17.33
N HIS F 44 -21.76 10.55 18.35
CA HIS F 44 -20.83 11.69 18.20
C HIS F 44 -19.45 11.20 17.75
N LEU F 45 -19.17 9.90 17.81
CA LEU F 45 -17.78 9.39 17.67
C LEU F 45 -17.53 8.98 16.22
N LEU F 46 -16.43 9.45 15.63
CA LEU F 46 -16.02 9.13 14.23
C LEU F 46 -14.82 8.17 14.28
N HIS F 47 -15.03 6.91 13.92
CA HIS F 47 -13.95 5.90 13.79
C HIS F 47 -13.16 5.79 15.12
N CYS F 48 -13.86 5.77 16.23
CA CYS F 48 -13.24 5.71 17.57
C CYS F 48 -13.28 4.28 18.11
N GLU F 49 -13.45 3.27 17.28
CA GLU F 49 -13.48 1.84 17.73
C GLU F 49 -12.24 1.52 18.59
N GLU F 50 -11.04 1.96 18.20
CA GLU F 50 -9.80 1.58 18.96
C GLU F 50 -9.91 2.12 20.38
N PHE F 51 -10.51 3.29 20.58
CA PHE F 51 -10.61 3.89 21.93
C PHE F 51 -11.58 3.09 22.78
N ILE F 52 -12.68 2.67 22.17
CA ILE F 52 -13.71 1.82 22.84
C ILE F 52 -13.04 0.49 23.21
N ASP F 53 -12.32 -0.12 22.27
CA ASP F 53 -11.64 -1.42 22.52
C ASP F 53 -10.62 -1.29 23.65
N GLU F 54 -9.84 -0.20 23.67
N GLU F 54 -9.79 -0.24 23.60
CA GLU F 54 -8.77 0.00 24.70
CA GLU F 54 -8.80 0.06 24.67
C GLU F 54 -9.40 0.28 26.07
C GLU F 54 -9.53 0.09 26.01
N PHE F 55 -10.57 0.93 26.12
CA PHE F 55 -11.33 1.10 27.39
C PHE F 55 -11.83 -0.26 27.88
N ASN F 56 -12.36 -1.09 26.97
CA ASN F 56 -12.91 -2.43 27.29
C ASN F 56 -11.79 -3.45 27.56
N GLY F 57 -10.64 -3.30 26.92
CA GLY F 57 -9.52 -4.27 26.96
C GLY F 57 -8.49 -3.87 28.00
C10 5R0 G 1 17.50 -0.45 -4.00
C1 5R0 G 1 15.99 -2.22 -6.93
C01 5R0 G 1 17.11 -1.21 -0.69
C02 5R0 G 1 18.27 -1.17 -1.68
C03 5R0 G 1 19.31 -2.23 -1.25
C04 5R0 G 1 18.94 0.21 -1.60
C05 5R0 G 1 17.74 -1.47 -3.09
C06 5R0 G 1 17.44 -2.78 -3.46
C07 5R0 G 1 16.90 -3.06 -4.70
C08 5R0 G 1 16.65 -2.04 -5.61
C09 5R0 G 1 16.96 -0.73 -5.25
O12 5R0 G 1 15.46 -1.28 -7.50
N PHE G 2 16.06 -3.44 -7.49
CA PHE G 2 15.55 -3.69 -8.83
C PHE G 2 14.58 -4.85 -8.85
N ALA G 3 13.64 -4.80 -9.79
CA ALA G 3 12.67 -5.86 -9.97
C ALA G 3 12.25 -5.97 -11.42
N LEU G 4 11.87 -7.18 -11.83
CA LEU G 4 11.34 -7.40 -13.15
C LEU G 4 9.94 -6.79 -13.21
N MLZ G 5 9.71 -5.93 -14.21
CA MLZ G 5 8.47 -5.22 -14.40
CB MLZ G 5 8.76 -3.77 -14.76
CG MLZ G 5 7.55 -2.87 -14.91
CD MLZ G 5 7.92 -1.48 -15.44
CE MLZ G 5 6.69 -0.62 -15.58
NZ MLZ G 5 6.91 0.79 -15.98
CM MLZ G 5 7.73 1.49 -15.00
C MLZ G 5 7.69 -5.93 -15.50
O MLZ G 5 8.18 -6.08 -16.62
N 5R5 G 6 6.47 -6.40 -15.18
CA 5R5 G 6 5.71 -7.16 -16.16
C 5R5 G 6 4.51 -6.38 -16.69
CB 5R5 G 6 5.31 -8.53 -15.62
OG 5R5 G 6 4.77 -8.45 -14.30
O 5R5 G 6 3.69 -6.85 -17.41
C1 5R5 G 6 4.64 -4.09 -17.25
OXT 5R5 G 6 4.49 -5.13 -16.25
C10 5R0 H 1 28.52 -15.93 -10.14
C1 5R0 H 1 27.95 -13.34 -12.89
C01 5R0 H 1 30.90 -17.32 -8.70
C02 5R0 H 1 30.13 -17.87 -9.90
C03 5R0 H 1 29.04 -18.83 -9.40
C04 5R0 H 1 31.14 -18.71 -10.72
C05 5R0 H 1 29.51 -16.73 -10.71
C06 5R0 H 1 29.93 -16.42 -12.00
C07 5R0 H 1 29.41 -15.32 -12.68
C08 5R0 H 1 28.42 -14.52 -12.10
C09 5R0 H 1 27.98 -14.86 -10.82
O12 5R0 H 1 28.58 -12.93 -13.86
N PHE H 2 26.78 -12.77 -12.53
CA PHE H 2 26.25 -11.62 -13.24
C PHE H 2 25.89 -10.52 -12.27
N ALA H 3 25.97 -9.29 -12.78
CA ALA H 3 25.62 -8.12 -12.00
C ALA H 3 25.07 -7.04 -12.92
N LEU H 4 24.16 -6.23 -12.37
CA LEU H 4 23.72 -5.04 -13.07
C LEU H 4 24.90 -4.07 -13.17
N MLZ H 5 25.13 -3.57 -14.39
CA MLZ H 5 26.10 -2.53 -14.63
CB MLZ H 5 26.85 -2.88 -15.91
CG MLZ H 5 28.12 -2.11 -16.19
CD MLZ H 5 28.71 -2.55 -17.52
CE MLZ H 5 30.06 -1.93 -17.81
NZ MLZ H 5 30.65 -2.38 -19.08
CM MLZ H 5 30.94 -3.81 -19.04
C MLZ H 5 25.42 -1.18 -14.77
C MLZ H 5 25.39 -1.19 -14.74
O MLZ H 5 24.59 -1.00 -15.66
O MLZ H 5 24.79 -0.88 -15.77
N 5R5 H 6 25.73 -0.23 -13.88
N 5R5 H 6 25.38 -0.42 -13.65
CA 5R5 H 6 24.98 1.00 -13.75
CA 5R5 H 6 24.95 0.97 -13.69
C 5R5 H 6 23.47 0.81 -13.83
C 5R5 H 6 25.79 1.83 -12.78
CB 5R5 H 6 25.40 1.98 -14.85
CB 5R5 H 6 23.52 1.12 -13.19
OG 5R5 H 6 26.81 2.06 -14.94
OG 5R5 H 6 22.90 -0.14 -13.02
O 5R5 H 6 22.72 1.50 -14.48
O 5R5 H 6 25.91 1.66 -11.59
C1 5R5 H 6 21.64 -0.40 -12.97
C1 5R5 H 6 26.14 2.84 -14.88
OXT 5R5 H 6 23.07 -0.21 -13.07
OXT 5R5 H 6 26.38 2.81 -13.46
C10 5R0 I 1 10.16 -18.74 -9.75
C1 5R0 I 1 11.23 -17.86 -13.30
C01 5R0 I 1 8.52 -21.12 -8.45
C02 5R0 I 1 8.01 -19.70 -8.80
C03 5R0 I 1 8.18 -18.84 -7.55
C04 5R0 I 1 6.52 -19.84 -9.15
C05 5R0 I 1 8.83 -19.12 -9.95
C06 5R0 I 1 8.32 -19.00 -11.24
C07 5R0 I 1 9.10 -18.57 -12.30
C08 5R0 I 1 10.43 -18.24 -12.09
C09 5R0 I 1 10.94 -18.32 -10.80
O12 5R0 I 1 10.86 -18.18 -14.42
N PHE I 2 12.30 -17.06 -13.12
CA PHE I 2 13.09 -16.61 -14.25
C PHE I 2 14.55 -17.04 -14.09
N ALA I 3 15.19 -17.25 -15.25
CA ALA I 3 16.59 -17.62 -15.32
C ALA I 3 17.20 -17.06 -16.61
N LEU I 4 18.49 -16.72 -16.54
CA LEU I 4 19.18 -16.21 -17.71
C LEU I 4 19.34 -17.35 -18.70
N MLZ I 5 18.93 -17.12 -19.96
CA MLZ I 5 19.03 -18.12 -21.01
CB MLZ I 5 17.78 -18.08 -21.89
CG MLZ I 5 17.68 -19.18 -22.94
CD MLZ I 5 16.53 -18.92 -23.87
CE MLZ I 5 16.02 -20.18 -24.54
NZ MLZ I 5 14.86 -19.97 -25.41
CM MLZ I 5 13.65 -19.82 -24.62
C MLZ I 5 20.29 -17.83 -21.83
O MLZ I 5 20.39 -16.78 -22.46
N 5R5 I 6 21.24 -18.76 -21.78
CA 5R5 I 6 22.28 -18.85 -22.79
C 5R5 I 6 22.00 -20.00 -23.74
CB 5R5 I 6 23.65 -19.01 -22.14
OG 5R5 I 6 23.60 -19.98 -21.10
O 5R5 I 6 22.19 -21.16 -23.47
C1 5R5 I 6 22.49 -19.29 -25.94
OXT 5R5 I 6 21.51 -19.58 -24.91
C10 5R0 J 1 -17.87 10.24 -0.53
C1 5R0 J 1 -16.31 13.49 0.72
C01 5R0 J 1 -17.79 8.60 -3.24
C02 5R0 J 1 -18.88 9.56 -2.74
C03 5R0 J 1 -19.93 8.75 -2.00
C04 5R0 J 1 -19.53 10.19 -3.97
C05 5R0 J 1 -18.26 10.61 -1.81
C06 5R0 J 1 -18.05 11.92 -2.22
C07 5R0 J 1 -17.43 12.84 -1.38
C08 5R0 J 1 -17.04 12.47 -0.09
C09 5R0 J 1 -17.28 11.16 0.32
O12 5R0 J 1 -15.78 14.46 0.16
N PHE J 2 -16.33 13.35 2.04
CA PHE J 2 -15.69 14.32 2.91
C PHE J 2 -14.67 13.69 3.84
N ALA J 3 -13.66 14.47 4.21
CA ALA J 3 -12.62 14.02 5.12
C ALA J 3 -12.09 15.18 5.94
N LEU J 4 -11.66 14.89 7.17
CA LEU J 4 -10.90 15.85 7.96
C LEU J 4 -9.56 16.10 7.30
N MLZ J 5 -9.19 17.37 7.24
CA MLZ J 5 -7.96 17.81 6.61
CB MLZ J 5 -8.28 18.93 5.64
CG MLZ J 5 -7.12 19.39 4.83
CD MLZ J 5 -7.54 20.38 3.76
CE MLZ J 5 -6.34 20.87 3.01
NZ MLZ J 5 -6.56 22.07 2.21
CM MLZ J 5 -7.62 21.86 1.24
C MLZ J 5 -7.05 18.31 7.72
C MLZ J 5 -6.86 18.14 7.61
O MLZ J 5 -7.38 19.31 8.39
O MLZ J 5 -7.10 18.70 8.68
N 5R5 J 6 -5.92 17.61 7.95
N 5R5 J 6 -5.62 17.81 7.21
CA 5R5 J 6 -4.80 18.04 8.76
CA 5R5 J 6 -4.46 17.66 8.06
C 5R5 J 6 -4.04 19.23 8.16
C 5R5 J 6 -4.71 16.81 9.30
CB 5R5 J 6 -3.64 17.03 8.74
CB 5R5 J 6 -3.87 19.01 8.46
OG 5R5 J 6 -4.09 15.68 8.72
OG 5R5 J 6 -2.65 18.83 9.17
O 5R5 J 6 -3.39 20.00 8.80
O 5R5 J 6 -4.32 15.68 9.43
C1 5R5 J 6 -3.48 18.13 6.16
C1 5R5 J 6 -6.72 17.10 10.52
OXT 5R5 J 6 -4.13 19.24 6.84
OXT 5R5 J 6 -5.35 17.50 10.23
C10 5R0 K 1 -28.03 10.07 15.27
C1 5R0 K 1 -27.40 13.66 14.11
C01 5R0 K 1 -30.69 8.55 16.18
C02 5R0 K 1 -29.57 9.13 17.07
C03 5R0 K 1 -28.56 8.01 17.37
C04 5R0 K 1 -30.21 9.58 18.38
C05 5R0 K 1 -28.90 10.30 16.34
C06 5R0 K 1 -29.23 11.61 16.67
C07 5R0 K 1 -28.72 12.66 15.94
C08 5R0 K 1 -27.87 12.45 14.85
C09 5R0 K 1 -27.54 11.14 14.53
O12 5R0 K 1 -27.98 14.73 14.22
N PHE K 2 -26.31 13.52 13.34
CA PHE K 2 -25.74 14.66 12.65
C PHE K 2 -25.49 14.33 11.19
N ALA K 3 -25.59 15.37 10.35
CA ALA K 3 -25.35 15.25 8.91
C ALA K 3 -24.83 16.56 8.35
N LEU K 4 -24.03 16.48 7.30
CA LEU K 4 -23.59 17.67 6.58
C LEU K 4 -24.79 18.25 5.85
N MLZ K 5 -25.03 19.54 6.07
CA MLZ K 5 -26.11 20.25 5.40
CB MLZ K 5 -26.76 21.22 6.36
CG MLZ K 5 -27.98 21.92 5.77
CD MLZ K 5 -28.72 22.70 6.84
CE MLZ K 5 -29.81 23.57 6.27
NZ MLZ K 5 -30.33 24.55 7.24
CM MLZ K 5 -30.62 23.90 8.53
C MLZ K 5 -25.65 20.98 4.14
O MLZ K 5 -24.65 21.70 4.17
N 5R5 K 6 -26.44 20.85 3.07
CA 5R5 K 6 -26.22 21.31 1.71
C 5R5 K 6 -25.22 20.41 1.00
C 5R5 K 6 -25.29 20.38 0.98
CB 5R5 K 6 -25.78 22.78 1.66
OG 5R5 K 6 -26.90 23.61 1.93
O 5R5 K 6 -25.52 19.65 0.13
O 5R5 K 6 -25.65 19.40 0.40
C1 5R5 K 6 -23.08 21.37 0.76
C1 5R5 K 6 -23.15 20.13 1.98
OXT 5R5 K 6 -24.00 20.53 1.50
OXT 5R5 K 6 -24.01 20.79 1.02
C10 5R0 L 1 -9.47 7.62 15.96
C1 5R0 L 1 -10.45 11.18 16.99
C01 5R0 L 1 -7.59 5.40 17.24
C02 5R0 L 1 -7.27 6.36 16.08
C03 5R0 L 1 -7.58 5.67 14.76
C04 5R0 L 1 -5.75 6.60 16.09
C05 5R0 L 1 -8.10 7.65 16.25
C06 5R0 L 1 -7.55 8.83 16.71
C07 5R0 L 1 -8.32 9.96 16.89
C08 5R0 L 1 -9.69 9.94 16.65
C09 5R0 L 1 -10.25 8.74 16.17
O12 5R0 L 1 -9.98 12.00 17.78
N PHE L 2 -11.60 11.39 16.36
CA PHE L 2 -12.37 12.62 16.51
C PHE L 2 -13.80 12.33 16.93
N ALA L 3 -14.36 13.26 17.69
CA ALA L 3 -15.75 13.16 18.14
C ALA L 3 -16.37 14.54 18.27
N LEU L 4 -17.69 14.61 18.05
CA LEU L 4 -18.44 15.81 18.38
C LEU L 4 -18.44 16.06 19.89
N MLZ L 5 -18.11 17.29 20.28
CA MLZ L 5 -18.12 17.67 21.68
CB MLZ L 5 -16.86 18.43 22.07
CG MLZ L 5 -16.82 18.68 23.58
CD MLZ L 5 -15.46 19.02 24.13
CE MLZ L 5 -14.97 20.36 23.63
NZ MLZ L 5 -13.95 20.99 24.47
CM MLZ L 5 -12.68 20.28 24.34
C MLZ L 5 -19.34 18.53 21.95
O MLZ L 5 -19.55 19.53 21.25
N 5R5 L 6 -20.13 18.17 22.96
CA 5R5 L 6 -21.35 18.90 23.26
C 5R5 L 6 -21.29 19.57 24.63
CB 5R5 L 6 -22.57 17.98 23.17
OG 5R5 L 6 -22.40 16.78 23.92
O 5R5 L 6 -22.22 20.10 25.16
C1 5R5 L 6 -19.49 20.74 25.59
OXT 5R5 L 6 -20.07 19.49 25.17
UNK UNX M . -21.22 7.23 -5.90
C30 I9A N . 7.00 2.07 -20.09
C26 I9A N . 7.31 0.97 -17.41
C27 I9A N . 7.40 2.46 -17.76
C31 I9A N . 5.85 1.70 -19.16
C32 I9A N . 6.25 0.44 -18.38
C28 I9A N . 5.95 2.81 -18.09
C29 I9A N . 8.06 2.60 -19.13
C30 I9A O . 29.30 -0.84 -22.91
C26 I9A O . 29.87 -1.99 -20.30
C27 I9A O . 30.67 -2.29 -21.58
C31 I9A O . 30.11 -0.15 -21.81
C32 I9A O . 29.49 -0.52 -20.46
C28 I9A O . 31.40 -0.96 -21.80
C29 I9A O . 29.70 -2.31 -22.76
C30 I9A P . 15.23 -17.47 -28.94
C26 I9A P . 15.04 -18.88 -26.42
C27 I9A P . 13.92 -18.89 -27.49
C31 I9A P . 15.81 -18.87 -28.69
C32 I9A P . 16.32 -18.93 -27.24
C28 I9A P . 14.55 -19.73 -28.61
C29 I9A P . 13.90 -17.50 -28.16
C30 I9A Q . -6.66 25.91 4.13
C26 I9A Q . -6.82 23.33 3.02
C27 I9A Q . -6.59 24.57 2.15
C31 I9A Q . -5.44 24.99 4.03
C32 I9A Q . -5.92 23.56 4.24
C28 I9A Q . -5.17 25.00 2.53
C29 I9A Q . -7.39 25.70 2.81
C30 I9A R . -31.30 27.89 6.77
C26 I9A R . -29.44 25.77 7.38
C27 I9A R . -29.95 26.78 8.41
C31 I9A R . -29.79 27.99 6.55
C32 I9A R . -29.27 26.61 6.11
C28 I9A R . -29.26 28.08 7.98
C29 I9A R . -31.41 27.10 8.08
C30 I9A S . -13.59 25.23 23.86
C26 I9A S . -13.81 22.42 24.09
C27 I9A S . -12.57 23.18 24.59
C31 I9A S . -14.28 24.54 25.05
C32 I9A S . -14.99 23.29 24.53
C28 I9A S . -13.11 23.93 25.81
C29 I9A S . -12.35 24.34 23.63
#